data_9GJZ
#
_entry.id   9GJZ
#
_cell.length_a   38.331
_cell.length_b   71.580
_cell.length_c   50.328
_cell.angle_alpha   90.000
_cell.angle_beta   92.635
_cell.angle_gamma   90.000
#
_symmetry.space_group_name_H-M   'P 1 21 1'
#
loop_
_entity.id
_entity.type
_entity.pdbx_description
1 polymer 'Genome polyprotein'
2 non-polymer S-ADENOSYL-L-HOMOCYSTEINE
3 non-polymer '[[(2R,3R,4R,5R)-5-(2-azanyl-6-oxidanylidene-1H-purin-9-yl)-4-fluoranyl-4-methyl-3-oxidanyl-oxolan-2-yl]methoxy-oxidanyl-phosphoryl] phosphono hydrogen phosphate'
4 water water
#
_entity_poly.entity_id   1
_entity_poly.type   'polypeptide(L)'
_entity_poly.pdbx_seq_one_letter_code
;SGGGRGRMLGEMWKAQLNQLTRQEFMEYRRDGIIEVDRSAARKARREGNVTGGHPVSRGTAKLRWMVERGFVKPHGKVID
LGCGRGGWSYYCATLKLVQEVKGYTKGGPGHEEPVMMQSYGWNLVSLKSGVDVFYRPSEQSDTLLCDIGEASPVPEIEEA
RTVKVLQMVEEWLSRGVEDFCVKILCPYMPKVLKELEKMQLRWGGGLIRVPLSRNSNHEMYWVSGASGNITNSVNTVSQM
LINRMNRTNRNGPKYEEDVHLGSGTRAV
;
_entity_poly.pdbx_strand_id   A
#
# COMPACT_ATOMS: atom_id res chain seq x y z
N GLY A 6 27.00 0.23 -12.35
CA GLY A 6 26.60 -0.68 -11.30
C GLY A 6 25.10 -0.66 -11.05
N ARG A 7 24.63 -1.69 -10.36
CA ARG A 7 23.21 -1.84 -10.07
C ARG A 7 22.95 -1.67 -8.58
N MET A 8 21.71 -1.36 -8.25
CA MET A 8 21.29 -1.40 -6.86
C MET A 8 21.16 -2.84 -6.41
N LEU A 9 21.45 -3.06 -5.12
CA LEU A 9 21.29 -4.38 -4.53
C LEU A 9 19.91 -4.98 -4.78
N GLY A 10 18.87 -4.15 -4.88
CA GLY A 10 17.53 -4.65 -5.13
C GLY A 10 17.40 -5.39 -6.46
N GLU A 11 18.18 -4.99 -7.46
CA GLU A 11 18.16 -5.70 -8.74
C GLU A 11 18.68 -7.13 -8.56
N MET A 12 19.61 -7.28 -7.72
CA MET A 12 20.15 -8.59 -7.36
C MET A 12 19.10 -9.47 -6.72
N TRP A 13 18.42 -8.84 -5.77
CA TRP A 13 17.32 -9.52 -5.09
C TRP A 13 16.27 -10.01 -6.08
N LYS A 14 15.87 -9.17 -7.04
CA LYS A 14 14.83 -9.59 -7.99
C LYS A 14 15.31 -10.74 -8.86
N ALA A 15 16.56 -10.68 -9.32
CA ALA A 15 17.11 -11.78 -10.09
C ALA A 15 17.10 -13.07 -9.28
N GLN A 16 17.52 -13.00 -8.02
CA GLN A 16 17.54 -14.19 -7.19
C GLN A 16 16.13 -14.69 -6.90
N LEU A 17 15.20 -13.76 -6.67
CA LEU A 17 13.80 -14.13 -6.49
C LEU A 17 13.29 -14.94 -7.68
N ASN A 18 13.55 -14.45 -8.89
CA ASN A 18 13.06 -15.08 -10.11
C ASN A 18 13.67 -16.47 -10.34
N GLN A 19 14.79 -16.79 -9.68
CA GLN A 19 15.44 -18.09 -9.82
C GLN A 19 14.97 -19.11 -8.79
N LEU A 20 14.21 -18.70 -7.77
CA LEU A 20 13.67 -19.67 -6.83
C LEU A 20 12.73 -20.62 -7.55
N THR A 21 12.73 -21.88 -7.12
CA THR A 21 11.65 -22.77 -7.53
C THR A 21 10.35 -22.27 -6.91
N ARG A 22 9.23 -22.80 -7.43
N ARG A 22 9.23 -22.81 -7.41
CA ARG A 22 7.93 -22.42 -6.88
CA ARG A 22 7.94 -22.39 -6.86
C ARG A 22 7.84 -22.80 -5.41
C ARG A 22 7.81 -22.81 -5.41
N GLN A 23 8.29 -24.00 -5.06
CA GLN A 23 8.25 -24.44 -3.68
C GLN A 23 9.14 -23.55 -2.79
N GLU A 24 10.35 -23.25 -3.27
CA GLU A 24 11.22 -22.31 -2.55
C GLU A 24 10.56 -20.95 -2.39
N PHE A 25 9.93 -20.47 -3.46
CA PHE A 25 9.29 -19.16 -3.40
C PHE A 25 8.20 -19.14 -2.33
N MET A 26 7.34 -20.17 -2.32
CA MET A 26 6.25 -20.19 -1.36
C MET A 26 6.76 -20.35 0.07
N GLU A 27 7.88 -21.05 0.26
CA GLU A 27 8.48 -21.12 1.59
C GLU A 27 9.10 -19.79 2.01
N TYR A 28 9.54 -18.98 1.04
CA TYR A 28 10.19 -17.71 1.32
C TYR A 28 9.20 -16.57 1.55
N ARG A 29 8.11 -16.51 0.77
CA ARG A 29 7.37 -15.25 0.65
C ARG A 29 6.79 -14.75 1.97
N ARG A 30 6.49 -15.65 2.91
CA ARG A 30 5.93 -15.22 4.20
C ARG A 30 6.84 -15.53 5.38
N ASP A 31 8.11 -15.86 5.12
CA ASP A 31 9.04 -16.28 6.16
C ASP A 31 9.50 -15.10 7.01
N GLY A 32 9.05 -15.06 8.26
CA GLY A 32 9.48 -14.03 9.18
C GLY A 32 8.79 -12.70 9.04
N ILE A 33 7.77 -12.60 8.19
CA ILE A 33 7.02 -11.35 8.07
C ILE A 33 5.99 -11.32 9.18
N ILE A 34 5.37 -10.17 9.41
CA ILE A 34 4.18 -10.10 10.25
C ILE A 34 2.97 -10.32 9.35
N GLU A 35 2.02 -11.13 9.81
CA GLU A 35 0.78 -11.36 9.08
C GLU A 35 -0.38 -11.32 10.06
N VAL A 36 -1.40 -10.54 9.76
CA VAL A 36 -2.58 -10.57 10.62
C VAL A 36 -3.43 -11.77 10.23
N ASP A 37 -4.00 -12.43 11.22
CA ASP A 37 -4.88 -13.56 10.98
C ASP A 37 -6.22 -13.07 10.44
N ARG A 38 -6.53 -13.45 9.20
CA ARG A 38 -7.77 -13.01 8.55
C ARG A 38 -8.77 -14.15 8.38
N SER A 39 -8.69 -15.19 9.21
CA SER A 39 -9.63 -16.29 9.05
C SER A 39 -11.06 -15.83 9.33
N ALA A 40 -11.25 -15.02 10.38
CA ALA A 40 -12.60 -14.53 10.68
C ALA A 40 -13.06 -13.53 9.63
N ALA A 41 -12.15 -12.73 9.11
CA ALA A 41 -12.54 -11.78 8.08
C ALA A 41 -13.01 -12.49 6.82
N ARG A 42 -12.34 -13.58 6.44
CA ARG A 42 -12.70 -14.27 5.21
C ARG A 42 -14.05 -14.95 5.35
N LYS A 43 -14.32 -15.47 6.54
CA LYS A 43 -15.64 -16.03 6.83
C LYS A 43 -16.70 -14.94 6.85
N ALA A 44 -16.35 -13.75 7.35
CA ALA A 44 -17.30 -12.64 7.38
C ALA A 44 -17.69 -12.20 5.97
N ARG A 45 -16.74 -12.13 5.04
CA ARG A 45 -17.12 -11.68 3.70
C ARG A 45 -17.99 -12.72 3.00
N ARG A 46 -17.70 -14.01 3.21
CA ARG A 46 -18.53 -15.05 2.62
C ARG A 46 -19.91 -15.11 3.25
N GLU A 47 -20.06 -14.65 4.49
CA GLU A 47 -21.36 -14.62 5.14
C GLU A 47 -22.06 -13.28 5.03
N GLY A 48 -21.49 -12.32 4.33
CA GLY A 48 -22.12 -11.00 4.25
C GLY A 48 -22.19 -10.29 5.58
N ASN A 49 -21.25 -10.56 6.48
CA ASN A 49 -21.19 -9.89 7.78
C ASN A 49 -20.45 -8.57 7.61
N VAL A 50 -21.18 -7.47 7.57
CA VAL A 50 -20.63 -6.15 7.31
C VAL A 50 -20.56 -5.29 8.55
N THR A 51 -20.96 -5.81 9.71
CA THR A 51 -20.98 -5.04 10.95
C THR A 51 -20.03 -5.60 12.01
N GLY A 52 -19.28 -6.66 11.71
CA GLY A 52 -18.41 -7.28 12.68
C GLY A 52 -17.05 -6.63 12.86
N GLY A 53 -16.77 -5.56 12.13
CA GLY A 53 -15.50 -4.88 12.24
C GLY A 53 -14.36 -5.49 11.46
N HIS A 54 -14.62 -6.47 10.61
CA HIS A 54 -13.56 -7.13 9.87
C HIS A 54 -13.18 -6.30 8.65
N PRO A 55 -11.91 -5.94 8.49
CA PRO A 55 -11.48 -5.24 7.26
C PRO A 55 -11.75 -6.07 6.01
N VAL A 56 -12.02 -5.37 4.91
CA VAL A 56 -12.29 -6.05 3.65
C VAL A 56 -11.05 -6.66 3.01
N SER A 57 -9.86 -6.25 3.43
CA SER A 57 -8.62 -6.75 2.87
C SER A 57 -7.48 -6.64 3.89
N ARG A 58 -6.34 -7.24 3.53
CA ARG A 58 -5.09 -7.09 4.28
C ARG A 58 -4.58 -5.67 4.27
N GLY A 59 -5.04 -4.82 3.34
CA GLY A 59 -4.50 -3.48 3.24
C GLY A 59 -4.76 -2.62 4.45
N THR A 60 -5.88 -2.84 5.14
CA THR A 60 -6.21 -2.06 6.32
C THR A 60 -5.10 -2.14 7.35
N ALA A 61 -4.63 -3.36 7.64
CA ALA A 61 -3.59 -3.52 8.66
C ALA A 61 -2.28 -2.85 8.24
N LYS A 62 -2.00 -2.79 6.94
CA LYS A 62 -0.78 -2.10 6.49
C LYS A 62 -0.86 -0.60 6.70
N LEU A 63 -2.00 0.02 6.36
CA LEU A 63 -2.14 1.46 6.59
C LEU A 63 -2.21 1.78 8.07
N ARG A 64 -2.86 0.92 8.87
CA ARG A 64 -2.88 1.11 10.32
C ARG A 64 -1.47 1.14 10.88
N TRP A 65 -0.62 0.21 10.43
CA TRP A 65 0.76 0.20 10.89
C TRP A 65 1.44 1.55 10.67
N MET A 66 1.24 2.16 9.50
CA MET A 66 1.89 3.43 9.21
C MET A 66 1.26 4.59 10.00
N VAL A 67 -0.07 4.57 10.15
CA VAL A 67 -0.75 5.65 10.86
C VAL A 67 -0.39 5.64 12.33
N GLU A 68 -0.33 4.46 12.95
CA GLU A 68 -0.03 4.44 14.37
C GLU A 68 1.41 4.86 14.66
N ARG A 69 2.27 4.87 13.66
CA ARG A 69 3.63 5.35 13.84
C ARG A 69 3.84 6.77 13.35
N GLY A 70 2.75 7.45 12.97
CA GLY A 70 2.83 8.84 12.58
C GLY A 70 3.43 9.07 11.22
N PHE A 71 3.54 8.04 10.39
CA PHE A 71 4.11 8.20 9.05
C PHE A 71 3.14 8.93 8.12
N VAL A 72 1.83 8.86 8.39
CA VAL A 72 0.83 9.66 7.70
C VAL A 72 -0.31 9.88 8.69
N LYS A 73 -0.92 11.06 8.61
CA LYS A 73 -1.96 11.48 9.55
C LYS A 73 -3.21 11.85 8.75
N PRO A 74 -4.02 10.86 8.39
CA PRO A 74 -5.22 11.16 7.59
C PRO A 74 -6.15 12.10 8.34
N HIS A 75 -6.67 13.08 7.60
CA HIS A 75 -7.54 14.12 8.16
C HIS A 75 -8.27 14.80 7.02
N GLY A 76 -9.36 15.48 7.35
CA GLY A 76 -10.07 16.26 6.35
C GLY A 76 -10.64 15.38 5.25
N LYS A 77 -10.47 15.81 4.00
CA LYS A 77 -10.93 15.05 2.84
C LYS A 77 -9.82 14.12 2.36
N VAL A 78 -10.08 12.81 2.42
CA VAL A 78 -9.11 11.79 2.02
C VAL A 78 -9.49 11.27 0.64
N ILE A 79 -8.53 11.23 -0.27
CA ILE A 79 -8.73 10.60 -1.57
C ILE A 79 -7.84 9.36 -1.63
N ASP A 80 -8.44 8.24 -2.01
CA ASP A 80 -7.80 6.93 -2.00
C ASP A 80 -7.75 6.40 -3.43
N LEU A 81 -6.59 6.55 -4.09
CA LEU A 81 -6.43 6.15 -5.48
C LEU A 81 -6.11 4.67 -5.57
N GLY A 82 -6.86 3.93 -6.39
CA GLY A 82 -6.76 2.47 -6.42
C GLY A 82 -7.30 1.84 -5.15
N CYS A 83 -8.54 2.17 -4.78
CA CYS A 83 -9.04 1.75 -3.48
C CYS A 83 -9.36 0.26 -3.41
N GLY A 84 -9.60 -0.37 -4.56
CA GLY A 84 -9.94 -1.78 -4.55
C GLY A 84 -11.20 -2.03 -3.76
N ARG A 85 -11.18 -3.07 -2.92
CA ARG A 85 -12.31 -3.36 -2.04
C ARG A 85 -12.58 -2.24 -1.06
N GLY A 86 -11.55 -1.50 -0.66
CA GLY A 86 -11.74 -0.30 0.13
C GLY A 86 -11.07 -0.28 1.49
N GLY A 87 -10.11 -1.20 1.70
CA GLY A 87 -9.51 -1.37 3.02
C GLY A 87 -8.91 -0.10 3.57
N TRP A 88 -8.22 0.67 2.74
CA TRP A 88 -7.67 1.92 3.24
C TRP A 88 -8.76 2.95 3.52
N SER A 89 -9.77 2.99 2.66
CA SER A 89 -10.81 4.02 2.77
C SER A 89 -11.64 3.81 4.03
N TYR A 90 -12.06 2.56 4.27
CA TYR A 90 -12.83 2.28 5.47
C TYR A 90 -12.00 2.51 6.73
N TYR A 91 -10.70 2.24 6.68
CA TYR A 91 -9.89 2.49 7.87
C TYR A 91 -9.82 3.98 8.19
N CYS A 92 -9.57 4.82 7.19
CA CYS A 92 -9.49 6.26 7.43
C CYS A 92 -10.79 6.82 7.97
N ALA A 93 -11.93 6.29 7.53
CA ALA A 93 -13.20 6.82 8.03
C ALA A 93 -13.42 6.54 9.52
N THR A 94 -12.66 5.62 10.12
CA THR A 94 -12.77 5.44 11.57
C THR A 94 -12.02 6.50 12.35
N LEU A 95 -11.21 7.34 11.69
CA LEU A 95 -10.27 8.20 12.38
C LEU A 95 -10.88 9.57 12.68
N LYS A 96 -10.61 10.05 13.90
CA LYS A 96 -11.28 11.24 14.42
C LYS A 96 -11.16 12.43 13.47
N LEU A 97 -9.97 12.67 12.93
CA LEU A 97 -9.75 13.87 12.14
C LEU A 97 -10.24 13.75 10.70
N VAL A 98 -10.63 12.55 10.25
CA VAL A 98 -11.11 12.36 8.89
C VAL A 98 -12.57 12.79 8.81
N GLN A 99 -12.87 13.46 7.73
CA GLN A 99 -14.21 13.94 7.51
C GLN A 99 -14.89 13.39 6.26
N GLU A 100 -14.24 12.99 5.30
CA GLU A 100 -14.82 12.50 4.06
C GLU A 100 -13.77 11.67 3.35
N VAL A 101 -14.19 10.54 2.78
CA VAL A 101 -13.30 9.64 2.06
C VAL A 101 -13.89 9.37 0.68
N LYS A 102 -13.12 9.67 -0.37
CA LYS A 102 -13.47 9.31 -1.74
C LYS A 102 -12.44 8.31 -2.25
N GLY A 103 -12.90 7.15 -2.67
CA GLY A 103 -12.05 6.11 -3.23
C GLY A 103 -12.38 5.88 -4.70
N TYR A 104 -11.34 5.65 -5.51
CA TYR A 104 -11.47 5.43 -6.95
C TYR A 104 -10.73 4.15 -7.28
N THR A 105 -11.36 3.26 -8.05
CA THR A 105 -10.67 2.04 -8.48
C THR A 105 -11.20 1.59 -9.83
N LYS A 106 -10.38 0.78 -10.52
CA LYS A 106 -10.68 0.43 -11.90
C LYS A 106 -11.82 -0.57 -12.00
N GLY A 107 -11.79 -1.63 -11.18
CA GLY A 107 -12.81 -2.65 -11.27
C GLY A 107 -12.77 -3.39 -12.61
N GLY A 108 -13.84 -4.14 -12.84
CA GLY A 108 -13.96 -4.90 -14.07
C GLY A 108 -13.19 -6.20 -14.00
N PRO A 109 -13.09 -6.89 -15.13
CA PRO A 109 -12.51 -8.25 -15.12
C PRO A 109 -11.09 -8.25 -14.56
N GLY A 110 -10.88 -9.10 -13.56
CA GLY A 110 -9.57 -9.27 -12.98
C GLY A 110 -9.19 -8.25 -11.92
N HIS A 111 -10.08 -7.33 -11.59
CA HIS A 111 -9.77 -6.28 -10.62
C HIS A 111 -10.83 -6.25 -9.53
N GLU A 112 -10.39 -5.89 -8.32
CA GLU A 112 -11.29 -5.88 -7.16
C GLU A 112 -12.33 -4.78 -7.31
N GLU A 113 -13.61 -5.15 -7.02
CA GLU A 113 -14.69 -4.16 -6.92
C GLU A 113 -14.83 -3.66 -5.49
N PRO A 114 -15.25 -2.41 -5.30
CA PRO A 114 -15.51 -1.92 -3.96
C PRO A 114 -16.51 -2.82 -3.24
N VAL A 115 -16.28 -2.99 -1.94
CA VAL A 115 -17.18 -3.76 -1.07
C VAL A 115 -17.91 -2.78 -0.18
N MET A 116 -19.22 -2.97 -0.02
CA MET A 116 -20.03 -2.09 0.81
C MET A 116 -20.02 -2.62 2.23
N MET A 117 -19.47 -1.84 3.15
CA MET A 117 -19.32 -2.24 4.54
C MET A 117 -20.04 -1.25 5.45
N GLN A 118 -20.27 -1.70 6.67
CA GLN A 118 -20.78 -0.83 7.73
C GLN A 118 -19.82 -0.77 8.90
N SER A 119 -18.52 -0.65 8.60
CA SER A 119 -17.56 -0.29 9.64
C SER A 119 -17.86 1.12 10.15
N TYR A 120 -17.25 1.45 11.29
CA TYR A 120 -17.47 2.76 11.90
C TYR A 120 -17.12 3.89 10.95
N GLY A 121 -18.06 4.80 10.77
CA GLY A 121 -17.89 5.89 9.82
C GLY A 121 -18.08 5.53 8.37
N TRP A 122 -18.74 4.39 8.09
CA TRP A 122 -18.95 3.97 6.71
C TRP A 122 -19.67 5.01 5.88
N ASN A 123 -20.54 5.81 6.50
CA ASN A 123 -21.31 6.80 5.75
C ASN A 123 -20.45 7.94 5.21
N LEU A 124 -19.23 8.09 5.70
CA LEU A 124 -18.31 9.09 5.17
C LEU A 124 -17.56 8.62 3.93
N VAL A 125 -17.76 7.37 3.51
CA VAL A 125 -16.97 6.74 2.46
C VAL A 125 -17.80 6.66 1.18
N SER A 126 -17.24 7.16 0.08
N SER A 126 -17.24 7.15 0.08
CA SER A 126 -17.85 7.01 -1.24
CA SER A 126 -17.84 7.02 -1.24
C SER A 126 -16.82 6.38 -2.15
C SER A 126 -16.82 6.39 -2.17
N LEU A 127 -17.07 5.13 -2.57
CA LEU A 127 -16.18 4.38 -3.43
C LEU A 127 -16.77 4.27 -4.83
N LYS A 128 -15.96 4.52 -5.85
CA LYS A 128 -16.43 4.53 -7.23
C LYS A 128 -15.55 3.59 -8.04
N SER A 129 -16.17 2.59 -8.66
CA SER A 129 -15.51 1.67 -9.56
C SER A 129 -15.56 2.22 -11.00
N GLY A 130 -14.91 1.51 -11.92
CA GLY A 130 -14.90 1.90 -13.31
C GLY A 130 -14.09 3.14 -13.60
N VAL A 131 -13.15 3.46 -12.71
CA VAL A 131 -12.35 4.69 -12.78
C VAL A 131 -10.90 4.32 -13.01
N ASP A 132 -10.34 4.74 -14.15
CA ASP A 132 -8.90 4.63 -14.40
C ASP A 132 -8.27 5.93 -13.93
N VAL A 133 -7.56 5.89 -12.80
CA VAL A 133 -7.08 7.12 -12.20
C VAL A 133 -6.04 7.81 -13.07
N PHE A 134 -5.38 7.07 -13.99
CA PHE A 134 -4.36 7.69 -14.83
C PHE A 134 -4.94 8.67 -15.83
N TYR A 135 -6.23 8.60 -16.10
CA TYR A 135 -6.88 9.56 -16.97
C TYR A 135 -7.97 10.33 -16.23
N ARG A 136 -7.90 10.39 -14.90
CA ARG A 136 -8.90 11.18 -14.19
C ARG A 136 -8.35 12.55 -13.82
N PRO A 137 -9.13 13.62 -13.98
CA PRO A 137 -8.66 14.94 -13.53
C PRO A 137 -8.43 14.96 -12.03
N SER A 138 -7.38 15.65 -11.62
CA SER A 138 -7.07 15.73 -10.20
C SER A 138 -8.12 16.57 -9.47
N GLU A 139 -8.20 16.35 -8.16
CA GLU A 139 -9.12 17.05 -7.28
C GLU A 139 -8.36 17.52 -6.04
N GLN A 140 -8.94 18.48 -5.34
CA GLN A 140 -8.40 18.91 -4.05
C GLN A 140 -8.52 17.78 -3.03
N SER A 141 -7.52 17.66 -2.17
CA SER A 141 -7.55 16.73 -1.05
C SER A 141 -6.67 17.24 0.07
N ASP A 142 -6.98 16.82 1.30
CA ASP A 142 -6.13 17.05 2.45
C ASP A 142 -5.17 15.89 2.68
N THR A 143 -5.62 14.67 2.39
CA THR A 143 -4.84 13.45 2.52
C THR A 143 -4.91 12.74 1.18
N LEU A 144 -3.75 12.41 0.61
CA LEU A 144 -3.68 11.71 -0.67
C LEU A 144 -3.09 10.32 -0.44
N LEU A 145 -3.85 9.29 -0.75
CA LEU A 145 -3.41 7.91 -0.66
C LEU A 145 -3.41 7.27 -2.03
N CYS A 146 -2.44 6.39 -2.26
CA CYS A 146 -2.37 5.66 -3.53
C CYS A 146 -1.69 4.32 -3.26
N ASP A 147 -2.37 3.24 -3.62
CA ASP A 147 -1.90 1.87 -3.31
C ASP A 147 -1.92 1.04 -4.58
N ILE A 148 -1.35 1.60 -5.65
CA ILE A 148 -1.38 1.03 -6.99
C ILE A 148 0.01 0.56 -7.36
N GLY A 149 0.10 -0.64 -7.92
CA GLY A 149 1.34 -1.10 -8.50
C GLY A 149 1.25 -2.59 -8.70
N GLU A 150 1.15 -3.03 -9.95
CA GLU A 150 0.94 -4.44 -10.25
C GLU A 150 2.29 -5.12 -10.51
N ALA A 151 2.50 -6.27 -9.87
CA ALA A 151 3.79 -6.94 -9.94
C ALA A 151 4.00 -7.55 -11.32
N SER A 152 5.28 -7.77 -11.65
CA SER A 152 5.73 -8.44 -12.87
C SER A 152 7.08 -9.07 -12.59
N PRO A 153 7.39 -10.21 -13.21
CA PRO A 153 8.74 -10.76 -13.11
C PRO A 153 9.81 -9.89 -13.76
N VAL A 154 9.40 -8.93 -14.60
CA VAL A 154 10.31 -8.08 -15.37
C VAL A 154 10.52 -6.80 -14.59
N PRO A 155 11.71 -6.53 -14.05
CA PRO A 155 11.89 -5.30 -13.26
C PRO A 155 11.67 -4.03 -14.07
N GLU A 156 11.97 -4.05 -15.37
CA GLU A 156 11.70 -2.85 -16.17
C GLU A 156 10.21 -2.56 -16.28
N ILE A 157 9.36 -3.59 -16.24
CA ILE A 157 7.91 -3.35 -16.27
C ILE A 157 7.44 -2.79 -14.93
N GLU A 158 7.99 -3.30 -13.81
CA GLU A 158 7.64 -2.75 -12.51
C GLU A 158 8.17 -1.33 -12.36
N GLU A 159 9.37 -1.08 -12.90
CA GLU A 159 9.90 0.28 -12.94
C GLU A 159 8.95 1.23 -13.65
N ALA A 160 8.53 0.87 -14.86
CA ALA A 160 7.68 1.77 -15.64
C ALA A 160 6.34 1.98 -14.95
N ARG A 161 5.76 0.91 -14.42
CA ARG A 161 4.49 1.02 -13.71
C ARG A 161 4.59 1.96 -12.52
N THR A 162 5.72 1.89 -11.78
CA THR A 162 5.93 2.76 -10.63
C THR A 162 6.11 4.21 -11.06
N VAL A 163 6.86 4.44 -12.14
CA VAL A 163 7.08 5.80 -12.63
C VAL A 163 5.73 6.43 -13.02
N LYS A 164 4.87 5.65 -13.66
CA LYS A 164 3.55 6.16 -14.06
C LYS A 164 2.72 6.58 -12.86
N VAL A 165 2.75 5.79 -11.79
CA VAL A 165 2.09 6.19 -10.54
C VAL A 165 2.63 7.51 -10.03
N LEU A 166 3.97 7.64 -9.99
CA LEU A 166 4.57 8.87 -9.48
C LEU A 166 4.21 10.08 -10.33
N GLN A 167 4.16 9.90 -11.65
CA GLN A 167 3.80 11.03 -12.51
C GLN A 167 2.35 11.44 -12.29
N MET A 168 1.47 10.47 -12.02
CA MET A 168 0.09 10.80 -11.68
C MET A 168 0.00 11.49 -10.32
N VAL A 169 0.67 10.97 -9.30
N VAL A 169 0.67 10.93 -9.31
CA VAL A 169 0.54 11.58 -7.98
CA VAL A 169 0.65 11.52 -7.98
C VAL A 169 1.19 12.96 -7.95
C VAL A 169 1.13 12.97 -8.03
N GLU A 170 2.15 13.24 -8.85
CA GLU A 170 2.68 14.60 -8.98
C GLU A 170 1.55 15.60 -9.26
N GLU A 171 0.62 15.24 -10.15
CA GLU A 171 -0.49 16.13 -10.48
C GLU A 171 -1.42 16.34 -9.28
N TRP A 172 -1.68 15.29 -8.50
CA TRP A 172 -2.59 15.41 -7.37
C TRP A 172 -1.93 16.19 -6.23
N LEU A 173 -0.64 15.96 -5.99
CA LEU A 173 0.06 16.71 -4.94
C LEU A 173 0.13 18.19 -5.26
N SER A 174 0.18 18.55 -6.54
CA SER A 174 0.29 19.96 -6.90
C SER A 174 -0.96 20.75 -6.58
N ARG A 175 -2.07 20.07 -6.30
CA ARG A 175 -3.26 20.76 -5.81
C ARG A 175 -3.08 21.25 -4.38
N GLY A 176 -2.00 20.86 -3.71
CA GLY A 176 -1.77 21.25 -2.33
C GLY A 176 -2.31 20.22 -1.37
N VAL A 177 -1.44 19.32 -0.93
CA VAL A 177 -1.81 18.18 -0.10
C VAL A 177 -0.99 18.21 1.17
N GLU A 178 -1.65 17.96 2.30
CA GLU A 178 -0.94 18.06 3.58
C GLU A 178 -0.31 16.73 4.01
N ASP A 179 -0.98 15.61 3.76
CA ASP A 179 -0.52 14.29 4.15
C ASP A 179 -0.62 13.36 2.95
N PHE A 180 0.37 12.48 2.78
CA PHE A 180 0.29 11.53 1.68
C PHE A 180 0.93 10.20 2.06
N CYS A 181 0.53 9.17 1.31
CA CYS A 181 1.03 7.81 1.51
C CYS A 181 0.85 7.10 0.17
N VAL A 182 1.95 6.81 -0.52
CA VAL A 182 1.94 6.36 -1.90
C VAL A 182 2.78 5.08 -2.02
N LYS A 183 2.17 4.01 -2.53
CA LYS A 183 2.91 2.78 -2.77
C LYS A 183 3.95 2.99 -3.86
N ILE A 184 5.18 2.54 -3.58
CA ILE A 184 6.28 2.50 -4.54
C ILE A 184 6.56 1.02 -4.79
N LEU A 185 6.03 0.47 -5.88
CA LEU A 185 6.12 -0.96 -6.10
C LEU A 185 7.56 -1.42 -6.23
N CYS A 186 8.37 -0.66 -6.97
CA CYS A 186 9.71 -1.08 -7.35
C CYS A 186 10.67 0.07 -7.07
N PRO A 187 11.12 0.22 -5.82
CA PRO A 187 11.88 1.42 -5.45
C PRO A 187 13.36 1.37 -5.81
N TYR A 188 13.89 0.25 -6.30
CA TYR A 188 15.32 0.11 -6.52
C TYR A 188 15.74 0.32 -7.97
N MET A 189 14.76 0.56 -8.91
CA MET A 189 15.19 0.69 -10.30
C MET A 189 15.49 2.15 -10.65
N PRO A 190 16.45 2.37 -11.57
CA PRO A 190 16.99 3.72 -11.79
C PRO A 190 15.96 4.80 -12.08
N LYS A 191 14.97 4.51 -12.92
CA LYS A 191 14.02 5.55 -13.29
C LYS A 191 13.11 5.91 -12.13
N VAL A 192 12.82 4.96 -11.24
CA VAL A 192 12.03 5.25 -10.05
C VAL A 192 12.85 6.09 -9.07
N LEU A 193 14.11 5.71 -8.87
CA LEU A 193 14.94 6.47 -7.93
C LEU A 193 15.10 7.91 -8.39
N LYS A 194 15.36 8.11 -9.69
CA LYS A 194 15.51 9.46 -10.23
C LYS A 194 14.26 10.30 -9.98
N GLU A 195 13.09 9.72 -10.25
CA GLU A 195 11.85 10.48 -10.07
C GLU A 195 11.56 10.73 -8.61
N LEU A 196 11.76 9.71 -7.75
CA LEU A 196 11.45 9.86 -6.34
C LEU A 196 12.34 10.91 -5.67
N GLU A 197 13.61 10.96 -6.06
CA GLU A 197 14.52 11.95 -5.48
C GLU A 197 14.09 13.37 -5.82
N LYS A 198 13.66 13.61 -7.07
CA LYS A 198 13.14 14.91 -7.42
C LYS A 198 11.87 15.23 -6.66
N MET A 199 10.99 14.23 -6.50
CA MET A 199 9.72 14.48 -5.82
C MET A 199 9.89 14.61 -4.31
N GLN A 200 10.87 13.93 -3.72
CA GLN A 200 11.19 14.16 -2.32
C GLN A 200 11.73 15.57 -2.12
N LEU A 201 12.57 16.06 -3.04
CA LEU A 201 13.07 17.43 -2.92
C LEU A 201 11.91 18.42 -2.92
N ARG A 202 10.93 18.21 -3.79
CA ARG A 202 9.84 19.16 -3.89
C ARG A 202 8.86 19.01 -2.73
N TRP A 203 8.43 17.77 -2.46
CA TRP A 203 7.29 17.52 -1.57
C TRP A 203 7.66 16.95 -0.22
N GLY A 204 8.91 16.55 -0.01
CA GLY A 204 9.31 16.01 1.27
C GLY A 204 9.03 14.52 1.37
N GLY A 205 8.93 14.06 2.62
CA GLY A 205 8.60 12.66 2.86
C GLY A 205 9.81 11.75 2.79
N GLY A 206 9.54 10.47 2.98
CA GLY A 206 10.59 9.47 2.95
C GLY A 206 9.96 8.12 2.71
N LEU A 207 10.81 7.14 2.42
CA LEU A 207 10.38 5.78 2.10
C LEU A 207 10.44 4.91 3.34
N ILE A 208 9.38 4.13 3.56
CA ILE A 208 9.36 3.19 4.67
C ILE A 208 8.93 1.83 4.16
N ARG A 209 9.34 0.80 4.89
CA ARG A 209 9.00 -0.59 4.61
C ARG A 209 8.07 -1.08 5.70
N VAL A 210 6.88 -1.52 5.31
CA VAL A 210 5.89 -2.05 6.25
C VAL A 210 6.19 -3.53 6.42
N PRO A 211 6.39 -4.02 7.64
CA PRO A 211 6.80 -5.42 7.83
C PRO A 211 5.68 -6.42 7.58
N LEU A 212 4.46 -5.95 7.32
CA LEU A 212 3.38 -6.78 6.82
C LEU A 212 3.50 -7.06 5.33
N SER A 213 4.37 -6.35 4.62
CA SER A 213 4.65 -6.67 3.22
C SER A 213 5.35 -8.03 3.11
N ARG A 214 5.03 -8.77 2.05
CA ARG A 214 5.62 -10.09 1.83
C ARG A 214 7.05 -9.97 1.30
N ASN A 215 7.87 -10.97 1.64
CA ASN A 215 9.24 -11.00 1.12
C ASN A 215 9.29 -11.17 -0.39
N SER A 216 8.16 -11.52 -1.01
CA SER A 216 8.10 -11.69 -2.45
C SER A 216 7.99 -10.36 -3.19
N ASN A 217 7.92 -9.24 -2.48
CA ASN A 217 7.95 -7.95 -3.16
C ASN A 217 8.81 -6.97 -2.36
N HIS A 218 9.30 -5.96 -3.07
CA HIS A 218 10.16 -4.91 -2.52
C HIS A 218 9.39 -3.62 -2.26
N GLU A 219 8.07 -3.69 -2.15
CA GLU A 219 7.26 -2.47 -2.06
C GLU A 219 7.64 -1.66 -0.82
N MET A 220 7.70 -0.35 -1.02
CA MET A 220 7.87 0.60 0.07
C MET A 220 6.85 1.70 -0.13
N TYR A 221 6.60 2.46 0.93
CA TYR A 221 5.61 3.52 0.87
C TYR A 221 6.29 4.86 1.06
N TRP A 222 6.04 5.79 0.14
CA TRP A 222 6.50 7.17 0.25
C TRP A 222 5.46 7.91 1.10
N VAL A 223 5.85 8.33 2.30
CA VAL A 223 4.90 8.87 3.26
C VAL A 223 5.40 10.23 3.70
N SER A 224 4.45 11.14 3.96
CA SER A 224 4.81 12.52 4.27
C SER A 224 5.44 12.67 5.64
N GLY A 225 5.15 11.75 6.56
CA GLY A 225 5.64 11.85 7.92
C GLY A 225 6.97 11.15 8.16
N ALA A 226 7.69 10.82 7.10
CA ALA A 226 9.03 10.26 7.22
C ALA A 226 10.02 11.18 6.51
N SER A 227 11.30 10.84 6.63
CA SER A 227 12.35 11.56 5.94
C SER A 227 13.52 10.60 5.72
N GLY A 228 14.64 11.13 5.32
CA GLY A 228 15.74 10.18 5.26
C GLY A 228 16.12 9.85 3.83
N ASN A 229 17.39 9.50 3.67
CA ASN A 229 17.96 9.29 2.36
C ASN A 229 17.28 8.14 1.64
N ILE A 230 16.88 8.37 0.39
CA ILE A 230 16.13 7.38 -0.37
C ILE A 230 17.02 6.18 -0.71
N THR A 231 18.22 6.45 -1.23
CA THR A 231 19.15 5.37 -1.58
C THR A 231 19.38 4.44 -0.39
N ASN A 232 19.68 5.02 0.78
CA ASN A 232 19.98 4.21 1.96
C ASN A 232 18.75 3.42 2.42
N SER A 233 17.58 4.05 2.39
CA SER A 233 16.35 3.36 2.79
C SER A 233 16.09 2.14 1.92
N VAL A 234 16.25 2.30 0.60
CA VAL A 234 16.00 1.21 -0.32
C VAL A 234 17.03 0.09 -0.14
N ASN A 235 18.31 0.46 -0.05
CA ASN A 235 19.35 -0.55 0.14
C ASN A 235 19.13 -1.37 1.41
N THR A 236 18.71 -0.72 2.49
CA THR A 236 18.47 -1.42 3.74
C THR A 236 17.43 -2.53 3.57
N VAL A 237 16.36 -2.23 2.82
CA VAL A 237 15.33 -3.23 2.56
C VAL A 237 15.89 -4.36 1.70
N SER A 238 16.63 -4.02 0.65
CA SER A 238 17.18 -5.06 -0.22
C SER A 238 18.03 -6.03 0.57
N GLN A 239 18.87 -5.51 1.47
CA GLN A 239 19.75 -6.41 2.21
C GLN A 239 18.95 -7.31 3.13
N MET A 240 17.93 -6.75 3.78
CA MET A 240 17.06 -7.56 4.62
C MET A 240 16.43 -8.70 3.81
N LEU A 241 15.85 -8.36 2.66
CA LEU A 241 15.16 -9.38 1.86
C LEU A 241 16.12 -10.44 1.33
N ILE A 242 17.35 -10.05 0.98
CA ILE A 242 18.33 -11.02 0.51
C ILE A 242 18.79 -11.89 1.67
N ASN A 243 19.04 -11.28 2.84
CA ASN A 243 19.38 -12.05 4.03
C ASN A 243 18.33 -13.11 4.32
N ARG A 244 17.05 -12.73 4.25
CA ARG A 244 15.99 -13.70 4.50
C ARG A 244 15.97 -14.79 3.43
N MET A 245 16.26 -14.45 2.18
CA MET A 245 16.26 -15.46 1.13
C MET A 245 17.37 -16.49 1.34
N ASN A 246 18.49 -16.06 1.92
CA ASN A 246 19.65 -16.94 2.11
C ASN A 246 19.67 -17.66 3.45
N ARG A 247 18.72 -17.38 4.34
CA ARG A 247 18.57 -18.09 5.62
C ARG A 247 17.44 -19.10 5.43
N THR A 248 17.80 -20.37 5.24
CA THR A 248 16.88 -21.36 4.69
C THR A 248 16.17 -22.20 5.73
N ASN A 249 16.33 -21.89 7.02
CA ASN A 249 15.54 -22.52 8.07
C ASN A 249 14.31 -21.66 8.29
N ARG A 250 13.22 -22.02 7.60
CA ARG A 250 12.06 -21.14 7.48
C ARG A 250 11.02 -21.41 8.56
N ASN A 251 10.29 -20.36 8.95
CA ASN A 251 9.36 -20.45 10.06
C ASN A 251 7.96 -19.96 9.74
N GLY A 252 7.71 -19.44 8.55
CA GLY A 252 6.43 -18.84 8.29
C GLY A 252 6.31 -17.51 9.02
N PRO A 253 5.13 -16.90 8.96
CA PRO A 253 4.97 -15.55 9.49
C PRO A 253 4.85 -15.51 11.01
N LYS A 254 5.06 -14.31 11.53
CA LYS A 254 4.71 -13.97 12.90
C LYS A 254 3.29 -13.43 12.89
N TYR A 255 2.40 -14.09 13.62
CA TYR A 255 0.98 -13.77 13.54
C TYR A 255 0.61 -12.67 14.51
N GLU A 256 -0.26 -11.78 14.06
CA GLU A 256 -0.80 -10.72 14.90
C GLU A 256 -2.28 -10.60 14.62
N GLU A 257 -2.95 -9.76 15.40
CA GLU A 257 -4.39 -9.58 15.28
C GLU A 257 -4.73 -8.48 14.30
N ASP A 258 -5.72 -8.74 13.46
CA ASP A 258 -6.17 -7.77 12.47
C ASP A 258 -6.86 -6.58 13.15
N VAL A 259 -7.01 -5.50 12.39
CA VAL A 259 -7.64 -4.29 12.90
C VAL A 259 -9.12 -4.54 13.12
N HIS A 260 -9.68 -3.97 14.18
CA HIS A 260 -11.13 -4.00 14.43
C HIS A 260 -11.71 -2.63 14.06
N LEU A 261 -12.62 -2.61 13.08
CA LEU A 261 -13.15 -1.37 12.54
C LEU A 261 -14.54 -1.05 13.05
N GLY A 262 -15.07 -1.83 13.99
CA GLY A 262 -16.35 -1.52 14.60
C GLY A 262 -17.49 -1.44 13.60
N SER A 263 -18.50 -0.65 13.97
CA SER A 263 -19.68 -0.43 13.14
C SER A 263 -20.31 0.88 13.55
N GLY A 264 -21.24 1.36 12.74
CA GLY A 264 -22.02 2.53 13.08
C GLY A 264 -21.66 3.73 12.21
N THR A 265 -22.60 4.66 12.13
CA THR A 265 -22.40 5.90 11.39
C THR A 265 -21.69 6.94 12.27
N ARG A 266 -21.05 7.90 11.60
CA ARG A 266 -20.45 9.05 12.25
C ARG A 266 -21.20 10.31 11.82
N ALA A 267 -21.29 11.27 12.73
CA ALA A 267 -22.04 12.50 12.47
C ALA A 267 -21.31 13.38 11.46
#